data_9JRN
#
_entry.id   9JRN
#
_cell.length_a   1.00
_cell.length_b   1.00
_cell.length_c   1.00
_cell.angle_alpha   90.00
_cell.angle_beta   90.00
_cell.angle_gamma   90.00
#
_symmetry.space_group_name_H-M   'P 1'
#
loop_
_entity.id
_entity.type
_entity.pdbx_description
1 polymer 'Soluble cytochrome b562,Reduced folate transporter,fusion protein'
2 non-polymer 'THIAMINE DIPHOSPHATE'
#
_entity_poly.entity_id   1
_entity_poly.type   'polypeptide(L)'
_entity_poly.pdbx_seq_one_letter_code
;MADLEDNWETLNDNLKVIEKADNAAQVKDALTKMRAAALDAQKATPPKLEDKSPDSPEMKDFRHGFDILVGQIDDALKLA
NEGKVKEAQAAAEQLKTTRNAYIQKYLSWRHLVCYLCFYGFMAQIRPGESFITPYLLGPDKQFTREQVTNEITPVLSYSY
LAVLVPVFLLTDYLRYTPVLLLQGLSFVSVWLLLLLGHSVAHMQLMELFYSVTMAARIAYSSYIFSLVRPARYQRVAGYS
RAAVLLGVFTSSVLGQLLVTVGRVSFSTLNYISLAFLTFSVVLALFLKRPKRSLFFNRDDRGRCETSASELERMNPGPGG
KLGHALRVACGDSVLARMLRELGDSLRRPQLRLWSLWWVFNSAGYYLVVYYVHILWNEVDPTTNSARVYNFAADAASTLL
GAITSFAAGFVKIRWARWSKLLIAGVTATQAGLVFLLAHTRHPSSIWLCYAAFVLFRGSYQFLVPIATFQIASSLSKELC
ALVFGVNTFFATIVKTIITFIVSDVRGLGLPVRKQFQLYSVYFLILSIIYFLGAMLDGLRHAEEEKRKAEEEKRKGSGSQ
VQLQESGGGLVQPGGSLRLSCAASGRTISRYAMSWFRQAPGKEREFVAVARRSGDGAFYADSVQGRFTVSRDDAKNTVYL
QMNSLKPEDTAVYYCAIDSDTFYSGSYDYWGQGTQVTVSSHHHHHHHHHH
;
_entity_poly.pdbx_strand_id   A
#
loop_
_chem_comp.id
_chem_comp.type
_chem_comp.name
_chem_comp.formula
TPP non-polymer 'THIAMINE DIPHOSPHATE' 'C12 H19 N4 O7 P2 S 1'
#
# COMPACT_ATOMS: atom_id res chain seq x y z
N SER A 108 4.31 -1.87 29.10
CA SER A 108 3.92 -0.69 28.34
C SER A 108 5.10 -0.12 27.57
N TRP A 109 6.27 -0.13 28.20
CA TRP A 109 7.48 0.35 27.54
C TRP A 109 7.78 -0.50 26.30
N ARG A 110 8.05 -1.79 26.51
CA ARG A 110 8.28 -2.69 25.39
C ARG A 110 6.99 -2.96 24.63
N HIS A 111 5.86 -3.01 25.34
CA HIS A 111 4.59 -3.40 24.76
C HIS A 111 4.10 -2.43 23.70
N LEU A 112 4.20 -1.13 23.94
CA LEU A 112 3.58 -0.15 23.06
C LEU A 112 4.21 -0.14 21.68
N VAL A 113 5.54 -0.24 21.62
CA VAL A 113 6.22 -0.05 20.34
C VAL A 113 6.64 -1.38 19.73
N CYS A 114 7.36 -2.21 20.50
CA CYS A 114 7.90 -3.44 19.95
C CYS A 114 6.78 -4.41 19.56
N TYR A 115 5.78 -4.55 20.43
CA TYR A 115 4.67 -5.46 20.13
C TYR A 115 3.82 -4.95 18.98
N LEU A 116 3.66 -3.63 18.86
CA LEU A 116 2.92 -3.09 17.73
C LEU A 116 3.62 -3.38 16.41
N CYS A 117 4.94 -3.20 16.37
CA CYS A 117 5.68 -3.57 15.16
C CYS A 117 5.63 -5.07 14.94
N PHE A 118 5.66 -5.85 16.03
CA PHE A 118 5.56 -7.30 15.89
C PHE A 118 4.23 -7.71 15.29
N TYR A 119 3.14 -7.07 15.70
CA TYR A 119 1.84 -7.35 15.10
C TYR A 119 1.83 -6.99 13.62
N GLY A 120 2.38 -5.82 13.27
CA GLY A 120 2.43 -5.43 11.87
C GLY A 120 3.25 -6.39 11.04
N PHE A 121 4.37 -6.86 11.60
CA PHE A 121 5.22 -7.81 10.88
C PHE A 121 4.50 -9.13 10.67
N MET A 122 3.79 -9.61 11.69
CA MET A 122 3.13 -10.91 11.59
C MET A 122 1.74 -10.84 10.97
N ALA A 123 1.15 -9.65 10.84
CA ALA A 123 -0.10 -9.53 10.12
C ALA A 123 0.12 -9.62 8.61
N GLN A 124 1.31 -9.23 8.14
CA GLN A 124 1.63 -9.28 6.73
C GLN A 124 2.25 -10.59 6.29
N ILE A 125 2.34 -11.58 7.19
CA ILE A 125 2.83 -12.91 6.84
C ILE A 125 1.72 -13.61 6.07
N ARG A 126 1.92 -13.81 4.76
CA ARG A 126 0.94 -14.47 3.91
C ARG A 126 1.67 -15.25 2.82
N PRO A 127 2.01 -16.51 3.09
CA PRO A 127 2.61 -17.34 2.04
C PRO A 127 1.73 -17.51 0.82
N GLY A 128 0.42 -17.60 1.00
CA GLY A 128 -0.51 -17.85 -0.08
C GLY A 128 -1.06 -16.65 -0.81
N GLU A 129 -0.76 -15.43 -0.33
CA GLU A 129 -1.33 -14.25 -0.98
C GLU A 129 -0.82 -14.10 -2.41
N SER A 130 0.46 -14.34 -2.64
CA SER A 130 1.05 -14.17 -3.96
C SER A 130 0.76 -15.34 -4.89
N PHE A 131 0.17 -16.44 -4.39
CA PHE A 131 -0.11 -17.61 -5.19
C PHE A 131 -1.61 -17.90 -5.24
N ILE A 132 -2.44 -16.89 -5.04
CA ILE A 132 -3.89 -17.09 -5.06
C ILE A 132 -4.35 -17.53 -6.44
N THR A 133 -3.98 -16.74 -7.45
CA THR A 133 -4.39 -17.06 -8.85
C THR A 133 -3.88 -18.44 -9.25
N PRO A 134 -2.58 -18.82 -9.12
CA PRO A 134 -2.17 -20.18 -9.50
C PRO A 134 -2.90 -21.26 -8.73
N TYR A 135 -3.20 -21.03 -7.46
CA TYR A 135 -3.98 -22.00 -6.69
C TYR A 135 -5.38 -22.15 -7.26
N LEU A 136 -6.01 -21.03 -7.62
CA LEU A 136 -7.32 -21.11 -8.27
C LEU A 136 -7.22 -21.80 -9.62
N LEU A 137 -6.19 -21.50 -10.40
CA LEU A 137 -5.97 -22.15 -11.69
C LEU A 137 -5.15 -23.43 -11.52
N GLY A 138 -5.61 -24.32 -10.64
CA GLY A 138 -4.86 -25.51 -10.32
C GLY A 138 -5.70 -26.77 -10.31
N PRO A 139 -5.05 -27.92 -10.18
CA PRO A 139 -5.79 -29.19 -10.17
C PRO A 139 -6.80 -29.32 -9.05
N ASP A 140 -6.55 -28.67 -7.91
CA ASP A 140 -7.45 -28.80 -6.77
C ASP A 140 -8.81 -28.16 -7.06
N LYS A 141 -8.82 -26.89 -7.41
CA LYS A 141 -10.08 -26.16 -7.53
C LYS A 141 -10.64 -26.23 -8.95
N GLN A 142 -9.78 -26.45 -9.95
CA GLN A 142 -10.20 -26.66 -11.34
C GLN A 142 -11.01 -25.49 -11.88
N PHE A 143 -10.37 -24.33 -11.90
CA PHE A 143 -10.97 -23.11 -12.40
C PHE A 143 -10.25 -22.66 -13.67
N THR A 144 -11.03 -22.13 -14.61
CA THR A 144 -10.50 -21.65 -15.88
C THR A 144 -10.14 -20.17 -15.80
N ARG A 145 -9.40 -19.71 -16.80
CA ARG A 145 -8.95 -18.33 -16.82
C ARG A 145 -10.12 -17.35 -16.91
N GLU A 146 -11.14 -17.67 -17.71
CA GLU A 146 -12.26 -16.76 -17.89
C GLU A 146 -13.01 -16.52 -16.58
N GLN A 147 -13.21 -17.56 -15.77
CA GLN A 147 -13.86 -17.37 -14.48
C GLN A 147 -13.02 -16.50 -13.55
N VAL A 148 -11.71 -16.71 -13.55
CA VAL A 148 -10.84 -15.96 -12.66
C VAL A 148 -10.78 -14.49 -13.07
N THR A 149 -10.57 -14.22 -14.36
CA THR A 149 -10.35 -12.86 -14.81
C THR A 149 -11.65 -12.06 -14.83
N ASN A 150 -12.75 -12.66 -15.30
CA ASN A 150 -13.98 -11.90 -15.48
C ASN A 150 -14.87 -11.90 -14.25
N GLU A 151 -14.73 -12.87 -13.35
CA GLU A 151 -15.66 -12.99 -12.24
C GLU A 151 -15.03 -12.80 -10.87
N ILE A 152 -13.71 -12.91 -10.73
CA ILE A 152 -13.07 -12.82 -9.44
C ILE A 152 -12.39 -11.47 -9.25
N THR A 153 -11.41 -11.18 -10.12
CA THR A 153 -10.67 -9.93 -9.98
C THR A 153 -11.52 -8.67 -10.05
N PRO A 154 -12.53 -8.53 -10.93
CA PRO A 154 -13.31 -7.28 -10.90
C PRO A 154 -14.02 -7.05 -9.58
N VAL A 155 -14.42 -8.12 -8.88
CA VAL A 155 -15.08 -7.96 -7.60
C VAL A 155 -14.18 -7.26 -6.60
N LEU A 156 -12.87 -7.56 -6.64
CA LEU A 156 -11.93 -6.89 -5.75
C LEU A 156 -11.95 -5.38 -6.00
N SER A 157 -11.98 -4.97 -7.27
CA SER A 157 -11.94 -3.54 -7.58
C SER A 157 -13.18 -2.82 -7.08
N TYR A 158 -14.37 -3.35 -7.40
CA TYR A 158 -15.60 -2.68 -6.97
C TYR A 158 -15.76 -2.73 -5.46
N SER A 159 -15.52 -3.89 -4.85
CA SER A 159 -15.76 -4.04 -3.42
C SER A 159 -14.76 -3.26 -2.59
N TYR A 160 -13.55 -3.04 -3.12
CA TYR A 160 -12.56 -2.25 -2.38
C TYR A 160 -13.06 -0.82 -2.20
N LEU A 161 -13.66 -0.24 -3.25
CA LEU A 161 -14.15 1.12 -3.16
C LEU A 161 -15.38 1.20 -2.25
N ALA A 162 -16.27 0.21 -2.36
CA ALA A 162 -17.50 0.25 -1.58
C ALA A 162 -17.26 -0.06 -0.10
N VAL A 163 -16.11 -0.66 0.22
CA VAL A 163 -15.78 -0.94 1.61
C VAL A 163 -14.86 0.13 2.18
N LEU A 164 -14.03 0.74 1.34
CA LEU A 164 -13.14 1.80 1.81
C LEU A 164 -13.91 3.00 2.34
N VAL A 165 -15.04 3.34 1.70
CA VAL A 165 -15.78 4.53 2.12
C VAL A 165 -16.30 4.41 3.56
N PRO A 166 -16.94 3.30 3.97
CA PRO A 166 -17.36 3.22 5.38
C PRO A 166 -16.20 2.99 6.33
N VAL A 167 -15.09 2.42 5.86
CA VAL A 167 -14.06 1.92 6.78
C VAL A 167 -13.37 3.08 7.49
N PHE A 168 -13.16 4.21 6.80
CA PHE A 168 -12.47 5.32 7.45
C PHE A 168 -13.41 6.14 8.33
N LEU A 169 -14.72 6.04 8.10
CA LEU A 169 -15.66 6.74 8.96
C LEU A 169 -15.82 6.04 10.31
N LEU A 170 -15.70 4.71 10.32
CA LEU A 170 -15.99 3.94 11.53
C LEU A 170 -14.75 3.61 12.35
N THR A 171 -13.56 3.56 11.73
CA THR A 171 -12.37 3.21 12.48
C THR A 171 -12.01 4.26 13.53
N ASP A 172 -12.38 5.52 13.30
CA ASP A 172 -12.09 6.56 14.28
C ASP A 172 -13.01 6.47 15.49
N TYR A 173 -14.29 6.21 15.25
CA TYR A 173 -15.25 6.11 16.36
C TYR A 173 -15.07 4.80 17.11
N LEU A 174 -15.17 3.69 16.39
CA LEU A 174 -15.02 2.37 17.00
C LEU A 174 -13.62 2.10 17.52
N ARG A 175 -12.71 3.08 17.39
CA ARG A 175 -11.30 2.94 17.74
C ARG A 175 -10.63 1.95 16.78
N TYR A 176 -9.30 1.98 16.73
CA TYR A 176 -8.58 1.26 15.69
C TYR A 176 -8.30 -0.19 16.05
N THR A 177 -8.73 -0.65 17.22
CA THR A 177 -8.52 -2.04 17.61
C THR A 177 -9.51 -2.97 16.90
N PRO A 178 -10.83 -2.73 16.97
CA PRO A 178 -11.76 -3.67 16.31
C PRO A 178 -11.54 -3.78 14.81
N VAL A 179 -11.19 -2.69 14.13
CA VAL A 179 -10.94 -2.76 12.70
C VAL A 179 -9.70 -3.61 12.42
N LEU A 180 -8.65 -3.46 13.23
CA LEU A 180 -7.50 -4.34 13.12
C LEU A 180 -7.89 -5.79 13.42
N LEU A 181 -8.74 -5.99 14.42
CA LEU A 181 -9.28 -7.33 14.68
C LEU A 181 -10.16 -7.78 13.54
N LEU A 182 -10.96 -6.86 12.98
CA LEU A 182 -11.77 -7.21 11.82
C LEU A 182 -10.91 -7.56 10.62
N GLN A 183 -9.81 -6.84 10.43
CA GLN A 183 -8.89 -7.14 9.34
C GLN A 183 -8.32 -8.55 9.50
N GLY A 184 -7.96 -8.92 10.73
CA GLY A 184 -7.46 -10.28 10.95
C GLY A 184 -8.51 -11.34 10.66
N LEU A 185 -9.73 -11.14 11.16
CA LEU A 185 -10.81 -12.10 10.88
C LEU A 185 -11.16 -12.14 9.40
N SER A 186 -11.18 -10.98 8.74
CA SER A 186 -11.50 -10.95 7.32
C SER A 186 -10.46 -11.70 6.51
N PHE A 187 -9.18 -11.56 6.87
CA PHE A 187 -8.15 -12.32 6.19
C PHE A 187 -8.32 -13.82 6.39
N VAL A 188 -8.68 -14.23 7.60
CA VAL A 188 -8.83 -15.66 7.88
C VAL A 188 -9.96 -16.25 7.06
N SER A 189 -11.09 -15.55 6.97
CA SER A 189 -12.21 -16.06 6.18
C SER A 189 -11.86 -16.13 4.70
N VAL A 190 -10.89 -15.31 4.26
CA VAL A 190 -10.45 -15.37 2.87
C VAL A 190 -9.83 -16.74 2.58
N TRP A 191 -8.94 -17.20 3.46
CA TRP A 191 -8.31 -18.50 3.25
C TRP A 191 -9.25 -19.64 3.61
N LEU A 192 -10.21 -19.41 4.50
CA LEU A 192 -11.24 -20.42 4.76
C LEU A 192 -12.07 -20.68 3.50
N LEU A 193 -12.45 -19.61 2.80
CA LEU A 193 -13.17 -19.78 1.54
C LEU A 193 -12.27 -20.34 0.45
N LEU A 194 -10.97 -20.03 0.50
CA LEU A 194 -10.04 -20.56 -0.49
C LEU A 194 -9.90 -22.07 -0.36
N LEU A 195 -9.84 -22.57 0.87
CA LEU A 195 -9.63 -24.00 1.11
C LEU A 195 -10.91 -24.81 1.10
N LEU A 196 -12.08 -24.16 1.07
CA LEU A 196 -13.35 -24.86 1.16
C LEU A 196 -14.29 -24.49 0.01
N GLY A 197 -13.90 -23.53 -0.83
CA GLY A 197 -14.76 -23.07 -1.90
C GLY A 197 -14.82 -24.06 -3.06
N HIS A 198 -15.97 -24.08 -3.72
CA HIS A 198 -16.18 -25.02 -4.82
C HIS A 198 -16.72 -24.30 -6.05
N SER A 199 -17.40 -23.18 -5.85
CA SER A 199 -18.02 -22.43 -6.94
C SER A 199 -17.46 -21.02 -6.97
N VAL A 200 -17.79 -20.29 -8.05
CA VAL A 200 -17.36 -18.91 -8.18
C VAL A 200 -18.02 -18.02 -7.14
N ALA A 201 -19.15 -18.44 -6.58
CA ALA A 201 -19.81 -17.64 -5.55
C ALA A 201 -18.93 -17.50 -4.32
N HIS A 202 -18.30 -18.59 -3.88
CA HIS A 202 -17.41 -18.51 -2.72
C HIS A 202 -16.23 -17.60 -3.02
N MET A 203 -15.72 -17.65 -4.26
CA MET A 203 -14.53 -16.87 -4.61
C MET A 203 -14.83 -15.38 -4.63
N GLN A 204 -16.03 -15.00 -5.06
CA GLN A 204 -16.39 -13.59 -5.04
C GLN A 204 -16.56 -13.10 -3.61
N LEU A 205 -17.11 -13.94 -2.74
CA LEU A 205 -17.23 -13.56 -1.32
C LEU A 205 -15.86 -13.39 -0.68
N MET A 206 -14.92 -14.31 -0.95
CA MET A 206 -13.57 -14.15 -0.41
C MET A 206 -12.84 -12.99 -1.06
N GLU A 207 -13.09 -12.72 -2.34
CA GLU A 207 -12.59 -11.50 -2.95
C GLU A 207 -13.21 -10.27 -2.29
N LEU A 208 -14.48 -10.35 -1.94
CA LEU A 208 -15.12 -9.28 -1.18
C LEU A 208 -14.46 -9.11 0.18
N PHE A 209 -14.19 -10.22 0.86
CA PHE A 209 -13.48 -10.14 2.14
C PHE A 209 -12.06 -9.65 1.95
N TYR A 210 -11.41 -10.05 0.85
CA TYR A 210 -10.06 -9.58 0.58
C TYR A 210 -10.04 -8.08 0.35
N SER A 211 -11.06 -7.55 -0.35
CA SER A 211 -11.13 -6.11 -0.57
C SER A 211 -11.33 -5.37 0.75
N VAL A 212 -12.03 -5.98 1.70
CA VAL A 212 -12.19 -5.39 3.02
C VAL A 212 -10.83 -5.26 3.71
N THR A 213 -9.99 -6.29 3.57
CA THR A 213 -8.70 -6.28 4.26
C THR A 213 -7.80 -5.17 3.75
N MET A 214 -7.78 -4.96 2.43
CA MET A 214 -6.98 -3.86 1.88
C MET A 214 -7.53 -2.50 2.28
N ALA A 215 -8.83 -2.42 2.61
CA ALA A 215 -9.38 -1.17 3.09
C ALA A 215 -9.04 -0.92 4.55
N ALA A 216 -8.64 -1.96 5.28
CA ALA A 216 -8.41 -1.86 6.72
C ALA A 216 -6.96 -1.57 7.09
N ARG A 217 -6.05 -1.42 6.12
CA ARG A 217 -4.68 -1.11 6.47
C ARG A 217 -4.49 0.35 6.89
N ILE A 218 -5.41 1.23 6.51
CA ILE A 218 -5.34 2.61 6.99
C ILE A 218 -5.57 2.65 8.49
N ALA A 219 -6.35 1.71 9.02
CA ALA A 219 -6.60 1.67 10.46
C ALA A 219 -5.31 1.40 11.22
N TYR A 220 -4.47 0.49 10.73
CA TYR A 220 -3.22 0.20 11.41
C TYR A 220 -2.29 1.40 11.38
N SER A 221 -2.18 2.07 10.24
CA SER A 221 -1.28 3.22 10.13
C SER A 221 -1.68 4.32 11.10
N SER A 222 -2.98 4.58 11.23
CA SER A 222 -3.45 5.57 12.19
C SER A 222 -3.38 5.06 13.62
N TYR A 223 -3.47 3.74 13.81
CA TYR A 223 -3.46 3.18 15.16
C TYR A 223 -2.17 3.48 15.89
N ILE A 224 -1.03 3.37 15.19
CA ILE A 224 0.26 3.64 15.81
C ILE A 224 0.36 5.08 16.28
N PHE A 225 -0.35 5.99 15.61
CA PHE A 225 -0.29 7.40 16.00
C PHE A 225 -1.10 7.70 17.25
N SER A 226 -2.25 7.04 17.42
CA SER A 226 -3.04 7.24 18.62
C SER A 226 -2.41 6.62 19.86
N LEU A 227 -1.54 5.62 19.69
CA LEU A 227 -0.96 4.92 20.83
C LEU A 227 0.15 5.73 21.50
N VAL A 228 0.97 6.42 20.72
CA VAL A 228 2.17 7.07 21.25
C VAL A 228 1.95 8.59 21.20
N ARG A 229 2.63 9.29 22.12
CA ARG A 229 2.56 10.74 22.22
C ARG A 229 3.08 11.39 20.95
N PRO A 230 2.64 12.61 20.64
CA PRO A 230 3.04 13.27 19.39
C PRO A 230 4.53 13.48 19.24
N ALA A 231 5.28 13.47 20.34
CA ALA A 231 6.72 13.68 20.26
C ALA A 231 7.40 12.59 19.43
N ARG A 232 7.00 11.34 19.62
CA ARG A 232 7.59 10.21 18.91
C ARG A 232 6.79 9.80 17.67
N TYR A 233 6.09 10.75 17.04
CA TYR A 233 5.30 10.42 15.86
C TYR A 233 6.19 9.97 14.71
N GLN A 234 7.32 10.64 14.50
CA GLN A 234 8.17 10.32 13.35
C GLN A 234 8.84 8.96 13.52
N ARG A 235 9.39 8.69 14.71
CA ARG A 235 10.08 7.42 14.91
C ARG A 235 9.13 6.24 14.82
N VAL A 236 7.93 6.36 15.39
CA VAL A 236 6.97 5.26 15.33
C VAL A 236 6.48 5.05 13.90
N ALA A 237 6.35 6.12 13.13
CA ALA A 237 5.92 5.99 11.74
C ALA A 237 6.94 5.21 10.93
N GLY A 238 8.23 5.47 11.16
CA GLY A 238 9.26 4.70 10.47
C GLY A 238 9.30 3.26 10.93
N TYR A 239 9.03 3.01 12.21
CA TYR A 239 9.12 1.66 12.74
C TYR A 239 8.02 0.77 12.18
N SER A 240 6.77 1.25 12.22
CA SER A 240 5.65 0.42 11.79
C SER A 240 5.70 0.13 10.30
N ARG A 241 6.02 1.14 9.48
CA ARG A 241 6.13 0.91 8.05
C ARG A 241 7.26 -0.04 7.72
N ALA A 242 8.38 0.06 8.45
CA ALA A 242 9.45 -0.92 8.28
C ALA A 242 9.00 -2.31 8.68
N ALA A 243 8.27 -2.43 9.79
CA ALA A 243 7.75 -3.73 10.21
C ALA A 243 6.75 -4.28 9.21
N VAL A 244 5.88 -3.43 8.68
CA VAL A 244 4.89 -3.88 7.70
C VAL A 244 5.60 -4.36 6.43
N LEU A 245 6.57 -3.60 5.94
CA LEU A 245 7.28 -4.00 4.73
C LEU A 245 8.16 -5.22 4.98
N LEU A 246 8.79 -5.31 6.16
CA LEU A 246 9.54 -6.52 6.48
C LEU A 246 8.64 -7.74 6.50
N GLY A 247 7.39 -7.58 6.92
CA GLY A 247 6.44 -8.68 6.83
C GLY A 247 6.12 -9.04 5.40
N VAL A 248 5.96 -8.04 4.53
CA VAL A 248 5.66 -8.30 3.12
C VAL A 248 6.83 -9.00 2.46
N PHE A 249 8.06 -8.53 2.74
CA PHE A 249 9.23 -9.13 2.12
C PHE A 249 9.40 -10.59 2.55
N THR A 250 9.30 -10.85 3.86
CA THR A 250 9.55 -12.21 4.35
C THR A 250 8.37 -13.13 4.04
N SER A 251 7.20 -12.57 3.74
CA SER A 251 6.09 -13.39 3.29
C SER A 251 6.30 -13.84 1.85
N SER A 252 6.73 -12.94 0.98
CA SER A 252 6.95 -13.28 -0.41
C SER A 252 8.12 -14.26 -0.56
N VAL A 253 9.21 -14.02 0.17
CA VAL A 253 10.38 -14.88 0.06
C VAL A 253 10.06 -16.27 0.62
N LEU A 254 9.45 -16.33 1.81
CA LEU A 254 9.05 -17.62 2.36
C LEU A 254 7.98 -18.27 1.49
N GLY A 255 7.15 -17.46 0.84
CA GLY A 255 6.18 -18.01 -0.09
C GLY A 255 6.83 -18.69 -1.29
N GLN A 256 7.82 -18.02 -1.88
CA GLN A 256 8.50 -18.61 -3.03
C GLN A 256 9.36 -19.79 -2.61
N LEU A 257 10.06 -19.68 -1.47
CA LEU A 257 10.94 -20.75 -1.03
C LEU A 257 10.17 -22.03 -0.78
N LEU A 258 9.00 -21.93 -0.17
CA LEU A 258 8.21 -23.13 0.09
C LEU A 258 7.73 -23.78 -1.20
N VAL A 259 7.64 -23.03 -2.29
CA VAL A 259 7.11 -23.57 -3.53
C VAL A 259 8.19 -23.90 -4.56
N THR A 260 9.34 -23.22 -4.52
CA THR A 260 10.40 -23.45 -5.49
C THR A 260 11.46 -24.41 -4.97
N VAL A 261 12.15 -24.04 -3.88
CA VAL A 261 13.10 -24.98 -3.29
C VAL A 261 12.37 -25.98 -2.41
N GLY A 262 11.19 -25.62 -1.94
CA GLY A 262 10.32 -26.58 -1.30
C GLY A 262 9.41 -27.27 -2.30
N ARG A 263 8.91 -28.43 -1.91
CA ARG A 263 8.07 -29.26 -2.77
C ARG A 263 6.67 -29.42 -2.21
N VAL A 264 6.29 -28.57 -1.26
CA VAL A 264 4.96 -28.67 -0.67
C VAL A 264 3.93 -28.06 -1.61
N SER A 265 2.75 -28.67 -1.65
CA SER A 265 1.70 -28.27 -2.58
C SER A 265 1.11 -26.93 -2.18
N PHE A 266 0.33 -26.36 -3.11
CA PHE A 266 -0.32 -25.07 -2.85
C PHE A 266 -1.29 -25.15 -1.68
N SER A 267 -2.05 -26.25 -1.58
CA SER A 267 -3.00 -26.39 -0.47
C SER A 267 -2.26 -26.41 0.86
N THR A 268 -1.15 -27.14 0.94
CA THR A 268 -0.34 -27.14 2.16
C THR A 268 0.23 -25.76 2.44
N LEU A 269 0.70 -25.07 1.40
CA LEU A 269 1.24 -23.73 1.58
C LEU A 269 0.18 -22.77 2.09
N ASN A 270 -1.06 -22.94 1.63
CA ASN A 270 -2.15 -22.12 2.15
C ASN A 270 -2.46 -22.45 3.60
N TYR A 271 -2.28 -23.71 4.00
CA TYR A 271 -2.47 -24.08 5.40
C TYR A 271 -1.48 -23.37 6.30
N ILE A 272 -0.23 -23.22 5.84
CA ILE A 272 0.77 -22.49 6.61
C ILE A 272 0.33 -21.05 6.83
N SER A 273 -0.25 -20.43 5.80
CA SER A 273 -0.78 -19.08 5.94
C SER A 273 -1.91 -19.03 6.96
N LEU A 274 -2.78 -20.05 6.94
CA LEU A 274 -3.93 -20.05 7.85
C LEU A 274 -3.48 -20.09 9.31
N ALA A 275 -2.47 -20.92 9.61
CA ALA A 275 -1.95 -20.98 10.97
C ALA A 275 -1.31 -19.65 11.37
N PHE A 276 -0.53 -19.05 10.47
CA PHE A 276 0.05 -17.74 10.75
C PHE A 276 -1.02 -16.68 10.90
N LEU A 277 -2.05 -16.72 10.06
CA LEU A 277 -3.09 -15.70 10.11
C LEU A 277 -3.89 -15.79 11.40
N THR A 278 -4.13 -17.00 11.89
CA THR A 278 -4.76 -17.17 13.19
C THR A 278 -3.89 -16.56 14.29
N PHE A 279 -2.57 -16.73 14.18
CA PHE A 279 -1.67 -16.12 15.15
C PHE A 279 -1.75 -14.60 15.11
N SER A 280 -1.89 -14.02 13.91
CA SER A 280 -2.07 -12.58 13.80
C SER A 280 -3.38 -12.13 14.44
N VAL A 281 -4.42 -12.95 14.31
CA VAL A 281 -5.69 -12.64 14.99
C VAL A 281 -5.49 -12.65 16.49
N VAL A 282 -4.75 -13.63 17.01
CA VAL A 282 -4.48 -13.69 18.44
C VAL A 282 -3.68 -12.47 18.88
N LEU A 283 -2.70 -12.08 18.07
CA LEU A 283 -1.92 -10.88 18.40
C LEU A 283 -2.78 -9.63 18.42
N ALA A 284 -3.70 -9.51 17.46
CA ALA A 284 -4.58 -8.34 17.43
C ALA A 284 -5.54 -8.32 18.60
N LEU A 285 -5.78 -9.47 19.23
CA LEU A 285 -6.72 -9.55 20.34
C LEU A 285 -6.18 -8.91 21.61
N PHE A 286 -4.88 -8.64 21.69
CA PHE A 286 -4.29 -8.05 22.89
C PHE A 286 -3.77 -6.63 22.64
N LEU A 287 -4.26 -5.97 21.60
CA LEU A 287 -3.83 -4.61 21.29
C LEU A 287 -4.58 -3.62 22.16
N LYS A 288 -3.85 -2.64 22.67
CA LYS A 288 -4.45 -1.65 23.57
C LYS A 288 -5.37 -0.73 22.79
N ARG A 289 -6.59 -0.57 23.29
CA ARG A 289 -7.60 0.25 22.64
C ARG A 289 -7.55 1.66 23.23
N PRO A 290 -7.21 2.69 22.45
CA PRO A 290 -7.17 4.04 23.00
C PRO A 290 -8.56 4.51 23.42
N LYS A 291 -8.57 5.39 24.41
CA LYS A 291 -9.82 5.95 24.92
C LYS A 291 -10.47 6.87 23.88
N SER A 333 -24.68 16.93 13.70
CA SER A 333 -24.55 15.49 13.47
C SER A 333 -23.09 15.07 13.50
N VAL A 334 -22.86 13.79 13.83
CA VAL A 334 -21.49 13.28 13.94
C VAL A 334 -20.78 13.37 12.59
N LEU A 335 -21.48 13.02 11.51
CA LEU A 335 -20.89 13.13 10.18
C LEU A 335 -20.50 14.57 9.85
N ALA A 336 -21.34 15.53 10.25
CA ALA A 336 -21.05 16.94 9.98
C ALA A 336 -19.81 17.39 10.73
N ARG A 337 -19.65 16.97 12.00
CA ARG A 337 -18.52 17.43 12.79
C ARG A 337 -17.19 16.96 12.20
N MET A 338 -17.10 15.68 11.81
CA MET A 338 -15.86 15.18 11.23
C MET A 338 -15.56 15.82 9.89
N LEU A 339 -16.59 16.03 9.05
CA LEU A 339 -16.38 16.74 7.80
C LEU A 339 -15.98 18.19 8.04
N ARG A 340 -16.58 18.84 9.03
CA ARG A 340 -16.21 20.22 9.35
C ARG A 340 -14.76 20.28 9.85
N GLU A 341 -14.36 19.33 10.68
CA GLU A 341 -12.96 19.28 11.11
C GLU A 341 -12.04 18.90 9.97
N LEU A 342 -12.55 18.14 9.00
CA LEU A 342 -11.75 17.82 7.82
C LEU A 342 -11.38 19.07 7.05
N GLY A 343 -12.36 19.97 6.84
CA GLY A 343 -12.07 21.21 6.15
C GLY A 343 -11.15 22.12 6.92
N ASP A 344 -11.37 22.23 8.24
CA ASP A 344 -10.51 23.08 9.06
C ASP A 344 -9.08 22.55 9.07
N SER A 345 -8.92 21.23 9.20
CA SER A 345 -7.59 20.64 9.19
C SER A 345 -6.90 20.86 7.86
N LEU A 346 -7.62 20.66 6.75
CA LEU A 346 -7.02 20.85 5.42
C LEU A 346 -6.58 22.28 5.18
N ARG A 347 -7.11 23.24 5.94
CA ARG A 347 -6.66 24.62 5.81
C ARG A 347 -5.20 24.78 6.22
N ARG A 348 -4.70 23.92 7.10
CA ARG A 348 -3.30 23.95 7.47
C ARG A 348 -2.42 23.63 6.26
N PRO A 349 -1.24 24.23 6.17
CA PRO A 349 -0.42 24.07 4.96
C PRO A 349 0.32 22.75 4.91
N GLN A 350 0.78 22.26 6.06
CA GLN A 350 1.57 21.03 6.08
C GLN A 350 0.73 19.81 5.71
N LEU A 351 -0.46 19.67 6.29
CA LEU A 351 -1.30 18.52 5.97
C LEU A 351 -1.79 18.58 4.53
N ARG A 352 -2.15 19.78 4.05
CA ARG A 352 -2.67 19.91 2.68
C ARG A 352 -1.63 19.49 1.65
N LEU A 353 -0.37 19.88 1.87
CA LEU A 353 0.69 19.51 0.93
C LEU A 353 0.88 18.00 0.90
N TRP A 354 0.91 17.36 2.06
CA TRP A 354 1.12 15.92 2.12
C TRP A 354 -0.12 15.13 1.72
N SER A 355 -1.32 15.66 2.03
CA SER A 355 -2.53 14.99 1.58
C SER A 355 -2.62 14.99 0.05
N LEU A 356 -2.28 16.12 -0.58
CA LEU A 356 -2.23 16.16 -2.04
C LEU A 356 -1.14 15.23 -2.56
N TRP A 357 -0.05 15.09 -1.82
CA TRP A 357 0.98 14.11 -2.19
C TRP A 357 0.42 12.70 -2.14
N TRP A 358 -0.37 12.38 -1.12
CA TRP A 358 -0.92 11.04 -0.98
C TRP A 358 -1.87 10.71 -2.13
N VAL A 359 -2.69 11.69 -2.53
CA VAL A 359 -3.70 11.44 -3.56
C VAL A 359 -3.04 11.14 -4.89
N PHE A 360 -2.01 11.91 -5.25
CA PHE A 360 -1.48 11.84 -6.60
C PHE A 360 -0.27 10.92 -6.70
N ASN A 361 0.71 11.09 -5.81
CA ASN A 361 1.92 10.29 -5.89
C ASN A 361 1.65 8.82 -5.65
N SER A 362 0.77 8.50 -4.69
CA SER A 362 0.43 7.09 -4.47
C SER A 362 -0.29 6.51 -5.68
N ALA A 363 -1.14 7.29 -6.33
CA ALA A 363 -1.81 6.82 -7.53
C ALA A 363 -0.79 6.51 -8.62
N GLY A 364 0.19 7.38 -8.81
CA GLY A 364 1.24 7.10 -9.78
C GLY A 364 2.10 5.91 -9.39
N TYR A 365 2.44 5.81 -8.11
CA TYR A 365 3.24 4.67 -7.64
C TYR A 365 2.49 3.35 -7.83
N TYR A 366 1.20 3.33 -7.48
CA TYR A 366 0.41 2.11 -7.66
C TYR A 366 0.24 1.77 -9.13
N LEU A 367 0.09 2.79 -9.98
CA LEU A 367 0.00 2.56 -11.41
C LEU A 367 1.27 1.89 -11.93
N VAL A 368 2.43 2.38 -11.50
CA VAL A 368 3.69 1.79 -11.93
C VAL A 368 3.84 0.38 -11.37
N VAL A 369 3.54 0.18 -10.10
CA VAL A 369 3.73 -1.13 -9.49
C VAL A 369 2.74 -2.14 -10.04
N TYR A 370 1.52 -1.71 -10.37
CA TYR A 370 0.51 -2.64 -10.87
C TYR A 370 0.78 -2.99 -12.33
N TYR A 371 1.13 -2.00 -13.14
CA TYR A 371 1.54 -2.24 -14.53
C TYR A 371 3.04 -2.49 -14.66
N VAL A 372 3.63 -3.34 -13.83
CA VAL A 372 5.04 -3.67 -13.94
C VAL A 372 5.25 -5.16 -14.21
N HIS A 373 4.42 -6.02 -13.62
CA HIS A 373 4.51 -7.44 -13.91
C HIS A 373 4.18 -7.72 -15.37
N ILE A 374 3.16 -7.06 -15.90
CA ILE A 374 2.79 -7.24 -17.30
C ILE A 374 3.88 -6.68 -18.21
N LEU A 375 4.49 -5.57 -17.81
CA LEU A 375 5.55 -4.98 -18.63
C LEU A 375 6.74 -5.92 -18.78
N TRP A 376 7.17 -6.54 -17.67
CA TRP A 376 8.21 -7.55 -17.75
C TRP A 376 7.76 -8.80 -18.48
N ASN A 377 6.50 -9.21 -18.28
CA ASN A 377 5.99 -10.39 -18.99
C ASN A 377 5.85 -10.12 -20.49
N GLU A 378 5.50 -8.89 -20.87
CA GLU A 378 5.39 -8.55 -22.28
C GLU A 378 6.75 -8.63 -22.98
N VAL A 379 7.82 -8.22 -22.30
CA VAL A 379 9.16 -8.25 -22.87
C VAL A 379 9.58 -9.69 -23.19
N ARG A 387 11.70 -16.46 -14.73
CA ARG A 387 10.62 -16.22 -13.79
C ARG A 387 11.18 -16.09 -12.37
N VAL A 388 12.49 -16.29 -12.25
CA VAL A 388 13.14 -16.10 -10.95
C VAL A 388 13.48 -14.63 -10.74
N TYR A 389 13.59 -13.86 -11.82
CA TYR A 389 14.05 -12.49 -11.72
C TYR A 389 12.91 -11.48 -11.50
N ASN A 390 11.69 -11.78 -11.93
CA ASN A 390 10.59 -10.84 -11.73
C ASN A 390 10.07 -10.85 -10.30
N PHE A 391 10.46 -11.86 -9.50
CA PHE A 391 10.18 -11.85 -8.07
C PHE A 391 11.30 -11.21 -7.27
N ALA A 392 12.55 -11.41 -7.67
CA ALA A 392 13.67 -10.87 -6.92
C ALA A 392 13.61 -9.35 -6.87
N ALA A 393 13.22 -8.71 -7.97
CA ALA A 393 12.99 -7.28 -7.95
C ALA A 393 11.89 -6.92 -6.97
N ASP A 394 10.80 -7.69 -6.97
CA ASP A 394 9.72 -7.45 -6.02
C ASP A 394 10.21 -7.64 -4.59
N ALA A 395 10.95 -8.72 -4.35
CA ALA A 395 11.48 -8.97 -3.01
C ALA A 395 12.47 -7.90 -2.58
N ALA A 396 13.36 -7.49 -3.49
CA ALA A 396 14.35 -6.47 -3.14
C ALA A 396 13.71 -5.10 -3.03
N SER A 397 12.67 -4.84 -3.82
CA SER A 397 11.96 -3.56 -3.72
C SER A 397 11.33 -3.41 -2.35
N THR A 398 10.70 -4.46 -1.85
CA THR A 398 10.06 -4.39 -0.53
C THR A 398 11.12 -4.31 0.58
N LEU A 399 12.24 -5.02 0.40
CA LEU A 399 13.34 -4.89 1.36
C LEU A 399 13.88 -3.48 1.40
N LEU A 400 14.14 -2.88 0.24
CA LEU A 400 14.66 -1.51 0.20
C LEU A 400 13.66 -0.53 0.78
N GLY A 401 12.37 -0.75 0.51
CA GLY A 401 11.35 0.08 1.12
C GLY A 401 11.36 -0.02 2.64
N ALA A 402 11.63 -1.21 3.16
CA ALA A 402 11.70 -1.37 4.61
C ALA A 402 12.87 -0.59 5.20
N ILE A 403 14.02 -0.62 4.54
CA ILE A 403 15.18 0.10 5.05
C ILE A 403 14.96 1.60 4.96
N THR A 404 14.46 2.09 3.82
CA THR A 404 14.19 3.51 3.66
C THR A 404 13.09 4.00 4.60
N SER A 405 12.03 3.23 4.79
CA SER A 405 11.01 3.60 5.77
C SER A 405 11.60 3.62 7.17
N PHE A 406 12.47 2.65 7.49
CA PHE A 406 13.15 2.67 8.77
C PHE A 406 14.03 3.90 8.91
N ALA A 407 14.72 4.29 7.83
CA ALA A 407 15.56 5.48 7.87
C ALA A 407 14.76 6.77 7.90
N ALA A 408 13.49 6.74 7.49
CA ALA A 408 12.66 7.94 7.53
C ALA A 408 12.21 8.31 8.93
N GLY A 409 12.33 7.40 9.89
CA GLY A 409 12.01 7.71 11.27
C GLY A 409 13.19 8.31 12.00
N PHE A 410 14.33 8.41 11.31
CA PHE A 410 15.54 8.98 11.89
C PHE A 410 16.03 10.22 11.16
N VAL A 411 15.43 10.58 10.01
CA VAL A 411 15.82 11.81 9.34
C VAL A 411 15.34 13.00 10.16
N LYS A 412 16.18 14.03 10.22
CA LYS A 412 15.87 15.25 10.97
C LYS A 412 15.86 16.41 9.98
N ILE A 413 14.67 16.75 9.49
CA ILE A 413 14.50 17.82 8.52
C ILE A 413 13.40 18.75 9.03
N ARG A 414 13.67 20.05 8.96
CA ARG A 414 12.73 21.07 9.42
C ARG A 414 11.55 21.07 8.45
N TRP A 415 10.44 20.49 8.89
CA TRP A 415 9.29 20.30 7.99
C TRP A 415 8.44 21.57 7.90
N ALA A 416 9.08 22.70 7.61
CA ALA A 416 8.36 23.93 7.32
C ALA A 416 8.94 24.69 6.14
N ARG A 417 10.16 24.39 5.71
CA ARG A 417 10.80 25.06 4.58
C ARG A 417 11.32 24.10 3.54
N TRP A 418 11.74 22.90 3.94
CA TRP A 418 12.29 21.90 3.03
C TRP A 418 11.33 20.74 2.82
N SER A 419 10.05 20.92 3.10
CA SER A 419 9.07 19.87 2.89
C SER A 419 8.65 19.75 1.44
N LYS A 420 8.34 20.87 0.79
CA LYS A 420 7.98 20.84 -0.62
C LYS A 420 9.17 20.45 -1.48
N LEU A 421 10.37 20.92 -1.14
CA LEU A 421 11.55 20.57 -1.91
C LEU A 421 11.86 19.07 -1.82
N LEU A 422 11.72 18.49 -0.62
CA LEU A 422 11.97 17.07 -0.47
C LEU A 422 11.00 16.24 -1.30
N ILE A 423 9.72 16.63 -1.32
CA ILE A 423 8.73 15.92 -2.12
C ILE A 423 9.09 16.01 -3.60
N ALA A 424 9.46 17.21 -4.07
CA ALA A 424 9.83 17.38 -5.47
C ALA A 424 11.08 16.57 -5.81
N GLY A 425 12.07 16.56 -4.92
CA GLY A 425 13.28 15.81 -5.19
C GLY A 425 13.03 14.32 -5.33
N VAL A 426 12.20 13.76 -4.45
CA VAL A 426 11.88 12.34 -4.55
C VAL A 426 11.02 12.07 -5.77
N THR A 427 10.02 12.93 -6.01
CA THR A 427 9.15 12.75 -7.18
C THR A 427 9.93 12.88 -8.48
N ALA A 428 10.86 13.83 -8.56
CA ALA A 428 11.69 13.95 -9.75
C ALA A 428 12.55 12.70 -9.93
N THR A 429 13.08 12.15 -8.84
CA THR A 429 13.83 10.90 -8.93
C THR A 429 12.94 9.76 -9.43
N GLN A 430 11.70 9.70 -8.94
CA GLN A 430 10.77 8.67 -9.40
C GLN A 430 10.39 8.89 -10.87
N ALA A 431 10.28 10.15 -11.29
CA ALA A 431 9.92 10.43 -12.67
C ALA A 431 10.96 9.88 -13.63
N GLY A 432 12.23 10.14 -13.36
CA GLY A 432 13.28 9.58 -14.19
C GLY A 432 13.38 8.09 -14.09
N LEU A 433 13.19 7.55 -12.89
CA LEU A 433 13.30 6.10 -12.68
C LEU A 433 12.22 5.35 -13.45
N VAL A 434 10.99 5.87 -13.45
CA VAL A 434 9.93 5.25 -14.23
C VAL A 434 10.25 5.31 -15.72
N PHE A 435 10.82 6.44 -16.17
CA PHE A 435 11.25 6.54 -17.56
C PHE A 435 12.34 5.51 -17.86
N LEU A 436 13.20 5.23 -16.88
CA LEU A 436 14.23 4.21 -17.07
C LEU A 436 13.60 2.84 -17.29
N LEU A 437 12.54 2.53 -16.54
CA LEU A 437 11.84 1.27 -16.71
C LEU A 437 11.18 1.18 -18.09
N ALA A 438 10.87 2.34 -18.69
CA ALA A 438 10.13 2.35 -19.94
C ALA A 438 11.08 2.29 -21.13
N HIS A 439 11.97 3.28 -21.27
CA HIS A 439 12.76 3.46 -22.46
C HIS A 439 13.93 2.48 -22.56
N THR A 440 13.94 1.44 -21.75
CA THR A 440 15.01 0.45 -21.75
C THR A 440 14.45 -0.88 -22.22
N ARG A 441 15.00 -1.40 -23.31
CA ARG A 441 14.55 -2.67 -23.87
C ARG A 441 15.67 -3.57 -24.36
N HIS A 442 16.94 -3.21 -24.14
CA HIS A 442 18.03 -4.06 -24.58
C HIS A 442 18.01 -5.39 -23.82
N PRO A 443 18.28 -6.51 -24.50
CA PRO A 443 18.26 -7.80 -23.81
C PRO A 443 19.23 -7.88 -22.65
N SER A 444 20.43 -7.31 -22.80
CA SER A 444 21.39 -7.26 -21.69
C SER A 444 21.28 -5.96 -20.92
N SER A 445 20.03 -5.58 -20.60
CA SER A 445 19.77 -4.38 -19.82
C SER A 445 18.63 -4.59 -18.82
N ILE A 446 18.09 -5.80 -18.70
CA ILE A 446 16.99 -6.06 -17.79
C ILE A 446 17.40 -5.83 -16.34
N TRP A 447 18.66 -6.11 -16.00
CA TRP A 447 19.14 -5.85 -14.65
C TRP A 447 18.98 -4.38 -14.29
N LEU A 448 19.22 -3.48 -15.24
CA LEU A 448 19.03 -2.06 -14.99
C LEU A 448 17.56 -1.74 -14.73
N CYS A 449 16.66 -2.42 -15.44
CA CYS A 449 15.23 -2.18 -15.22
C CYS A 449 14.83 -2.55 -13.80
N TYR A 450 15.29 -3.71 -13.31
CA TYR A 450 15.01 -4.07 -11.92
C TYR A 450 15.66 -3.09 -10.97
N ALA A 451 16.89 -2.65 -11.27
CA ALA A 451 17.54 -1.66 -10.44
C ALA A 451 16.75 -0.36 -10.40
N ALA A 452 16.09 -0.02 -11.52
CA ALA A 452 15.21 1.15 -11.53
C ALA A 452 13.98 0.92 -10.65
N PHE A 453 13.45 -0.30 -10.66
CA PHE A 453 12.22 -0.58 -9.92
C PHE A 453 12.45 -0.56 -8.41
N VAL A 454 13.55 -1.17 -7.95
CA VAL A 454 13.77 -1.31 -6.51
C VAL A 454 13.91 0.07 -5.86
N LEU A 455 14.70 0.95 -6.48
CA LEU A 455 14.90 2.28 -5.91
C LEU A 455 13.62 3.10 -6.01
N PHE A 456 12.83 2.91 -7.07
CA PHE A 456 11.55 3.60 -7.18
C PHE A 456 10.61 3.18 -6.06
N ARG A 457 10.56 1.88 -5.76
CA ARG A 457 9.76 1.42 -4.64
C ARG A 457 10.31 1.95 -3.32
N GLY A 458 11.64 1.97 -3.18
CA GLY A 458 12.23 2.50 -1.96
C GLY A 458 12.00 3.99 -1.80
N SER A 459 12.06 4.73 -2.90
CA SER A 459 11.87 6.18 -2.82
C SER A 459 10.46 6.53 -2.36
N TYR A 460 9.45 5.84 -2.88
CA TYR A 460 8.09 6.09 -2.43
C TYR A 460 7.89 5.61 -1.00
N GLN A 461 8.33 4.40 -0.68
CA GLN A 461 8.20 3.89 0.67
C GLN A 461 9.07 4.63 1.68
N PHE A 462 10.02 5.45 1.20
CA PHE A 462 10.75 6.32 2.12
C PHE A 462 9.88 7.49 2.56
N LEU A 463 9.03 7.99 1.66
CA LEU A 463 8.26 9.18 1.96
C LEU A 463 6.91 8.88 2.60
N VAL A 464 6.46 7.62 2.55
CA VAL A 464 5.17 7.29 3.17
C VAL A 464 5.20 7.48 4.68
N PRO A 465 6.18 6.95 5.44
CA PRO A 465 6.19 7.23 6.88
C PRO A 465 6.33 8.71 7.19
N ILE A 466 7.05 9.47 6.37
CA ILE A 466 7.12 10.91 6.55
C ILE A 466 5.75 11.54 6.32
N ALA A 467 5.05 11.09 5.28
CA ALA A 467 3.71 11.61 5.00
C ALA A 467 2.74 11.27 6.13
N THR A 468 2.81 10.04 6.64
CA THR A 468 1.94 9.66 7.75
C THR A 468 2.27 10.45 9.00
N PHE A 469 3.56 10.65 9.29
CA PHE A 469 3.96 11.41 10.47
C PHE A 469 3.51 12.86 10.37
N GLN A 470 3.69 13.49 9.20
CA GLN A 470 3.31 14.88 9.05
C GLN A 470 1.81 15.09 9.15
N ILE A 471 1.01 14.20 8.54
CA ILE A 471 -0.44 14.35 8.60
C ILE A 471 -0.95 14.18 10.02
N ALA A 472 -0.43 13.17 10.74
CA ALA A 472 -0.87 12.94 12.11
C ALA A 472 -0.47 14.09 13.03
N SER A 473 0.74 14.61 12.86
CA SER A 473 1.20 15.71 13.70
C SER A 473 0.43 17.00 13.43
N SER A 474 -0.01 17.20 12.18
CA SER A 474 -0.75 18.39 11.81
C SER A 474 -2.24 18.28 12.09
N LEU A 475 -2.70 17.13 12.59
CA LEU A 475 -4.10 16.93 12.93
C LEU A 475 -4.25 17.06 14.44
N SER A 476 -4.90 18.14 14.88
CA SER A 476 -5.13 18.35 16.31
C SER A 476 -6.47 17.76 16.75
N LYS A 477 -6.69 16.51 16.38
CA LYS A 477 -7.92 15.79 16.69
C LYS A 477 -7.66 14.30 16.55
N GLU A 478 -8.66 13.50 16.91
CA GLU A 478 -8.60 12.05 16.73
C GLU A 478 -9.21 11.67 15.38
N LEU A 479 -8.74 12.35 14.34
CA LEU A 479 -9.19 12.12 12.96
C LEU A 479 -8.04 11.72 12.06
N CYS A 480 -7.04 11.04 12.62
CA CYS A 480 -5.89 10.61 11.82
C CYS A 480 -6.33 9.59 10.77
N ALA A 481 -7.24 8.69 11.12
CA ALA A 481 -7.66 7.64 10.19
C ALA A 481 -8.55 8.19 9.07
N LEU A 482 -9.42 9.15 9.39
CA LEU A 482 -10.33 9.67 8.37
C LEU A 482 -9.58 10.34 7.24
N VAL A 483 -8.54 11.13 7.58
CA VAL A 483 -7.71 11.74 6.54
C VAL A 483 -6.94 10.67 5.78
N PHE A 484 -6.46 9.63 6.49
CA PHE A 484 -5.78 8.53 5.82
C PHE A 484 -6.71 7.83 4.84
N GLY A 485 -7.95 7.60 5.24
CA GLY A 485 -8.91 6.97 4.36
C GLY A 485 -9.30 7.83 3.17
N VAL A 486 -9.49 9.12 3.39
CA VAL A 486 -9.87 10.02 2.31
C VAL A 486 -8.76 10.08 1.25
N ASN A 487 -7.51 10.18 1.69
CA ASN A 487 -6.40 10.18 0.76
C ASN A 487 -6.31 8.88 -0.01
N THR A 488 -6.49 7.75 0.68
CA THR A 488 -6.51 6.46 -0.01
C THR A 488 -7.72 6.34 -0.93
N PHE A 489 -8.85 6.94 -0.53
CA PHE A 489 -10.02 6.95 -1.40
C PHE A 489 -9.74 7.71 -2.69
N PHE A 490 -9.20 8.93 -2.58
CA PHE A 490 -8.95 9.74 -3.78
C PHE A 490 -7.80 9.20 -4.60
N ALA A 491 -6.80 8.60 -3.95
CA ALA A 491 -5.66 8.05 -4.68
C ALA A 491 -6.12 6.92 -5.61
N THR A 492 -6.99 6.05 -5.13
CA THR A 492 -7.50 4.97 -5.98
C THR A 492 -8.39 5.54 -7.08
N ILE A 493 -9.20 6.54 -6.77
CA ILE A 493 -10.05 7.17 -7.78
C ILE A 493 -9.20 7.80 -8.87
N VAL A 494 -8.14 8.51 -8.47
CA VAL A 494 -7.21 9.06 -9.45
C VAL A 494 -6.50 7.93 -10.20
N LYS A 495 -6.16 6.85 -9.50
CA LYS A 495 -5.54 5.70 -10.16
C LYS A 495 -6.47 5.08 -11.18
N THR A 496 -7.77 4.98 -10.85
CA THR A 496 -8.73 4.46 -11.81
C THR A 496 -8.90 5.38 -12.99
N ILE A 497 -8.90 6.70 -12.75
CA ILE A 497 -9.11 7.66 -13.83
C ILE A 497 -7.97 7.59 -14.84
N ILE A 498 -6.73 7.57 -14.35
CA ILE A 498 -5.58 7.49 -15.25
C ILE A 498 -5.59 6.16 -16.01
N THR A 499 -5.98 5.08 -15.34
CA THR A 499 -6.09 3.79 -16.02
C THR A 499 -7.12 3.86 -17.15
N PHE A 500 -8.25 4.50 -16.90
CA PHE A 500 -9.30 4.60 -17.92
C PHE A 500 -8.81 5.37 -19.15
N ILE A 501 -8.12 6.49 -18.93
CA ILE A 501 -7.69 7.32 -20.06
C ILE A 501 -6.49 6.69 -20.77
N VAL A 502 -5.51 6.25 -20.00
CA VAL A 502 -4.24 5.82 -20.59
C VAL A 502 -4.28 4.37 -21.09
N SER A 503 -5.05 3.51 -20.43
CA SER A 503 -5.01 2.09 -20.77
C SER A 503 -6.24 1.65 -21.56
N ASP A 504 -7.43 2.03 -21.12
CA ASP A 504 -8.66 1.50 -21.70
C ASP A 504 -8.85 1.98 -23.14
N VAL A 505 -9.61 1.21 -23.92
CA VAL A 505 -9.83 1.49 -25.33
C VAL A 505 -10.69 2.73 -25.54
N ARG A 506 -11.72 2.91 -24.71
CA ARG A 506 -12.63 4.04 -24.89
C ARG A 506 -11.91 5.38 -24.79
N GLY A 507 -10.78 5.41 -24.09
CA GLY A 507 -9.98 6.61 -24.02
C GLY A 507 -8.78 6.50 -24.94
N LEU A 508 -7.63 6.97 -24.46
CA LEU A 508 -6.40 6.91 -25.24
C LEU A 508 -5.78 5.51 -25.06
N GLY A 509 -5.97 4.68 -26.09
CA GLY A 509 -5.41 3.34 -26.10
C GLY A 509 -3.93 3.30 -26.42
N LEU A 510 -3.12 2.83 -25.48
CA LEU A 510 -1.69 2.68 -25.70
C LEU A 510 -1.23 1.31 -25.26
N PRO A 511 -0.16 0.80 -25.88
CA PRO A 511 0.48 -0.42 -25.36
C PRO A 511 1.26 -0.14 -24.09
N VAL A 512 1.65 -1.22 -23.40
CA VAL A 512 2.23 -1.08 -22.06
C VAL A 512 3.49 -0.22 -22.09
N ARG A 513 4.27 -0.31 -23.17
CA ARG A 513 5.45 0.54 -23.28
C ARG A 513 5.07 2.01 -23.28
N LYS A 514 4.03 2.36 -24.02
CA LYS A 514 3.60 3.75 -24.12
C LYS A 514 3.00 4.24 -22.81
N GLN A 515 2.40 3.33 -22.02
CA GLN A 515 1.81 3.73 -20.74
C GLN A 515 2.85 4.28 -19.78
N PHE A 516 4.00 3.61 -19.66
CA PHE A 516 5.00 4.03 -18.68
C PHE A 516 5.55 5.40 -18.98
N GLN A 517 5.80 5.72 -20.25
CA GLN A 517 6.24 7.07 -20.58
C GLN A 517 5.14 8.09 -20.33
N LEU A 518 3.88 7.68 -20.48
CA LEU A 518 2.78 8.52 -20.02
C LEU A 518 2.78 8.66 -18.49
N TYR A 519 3.12 7.58 -17.78
CA TYR A 519 3.24 7.67 -16.34
C TYR A 519 4.47 8.50 -15.95
N SER A 520 5.54 8.41 -16.73
CA SER A 520 6.73 9.20 -16.44
C SER A 520 6.45 10.69 -16.54
N VAL A 521 5.74 11.11 -17.59
CA VAL A 521 5.41 12.52 -17.74
C VAL A 521 4.41 12.94 -16.68
N TYR A 522 3.56 12.00 -16.22
CA TYR A 522 2.66 12.29 -15.12
C TYR A 522 3.44 12.63 -13.85
N PHE A 523 4.49 11.85 -13.57
CA PHE A 523 5.36 12.18 -12.45
C PHE A 523 6.11 13.48 -12.68
N LEU A 524 6.54 13.72 -13.93
CA LEU A 524 7.26 14.95 -14.23
C LEU A 524 6.38 16.17 -14.01
N ILE A 525 5.11 16.11 -14.42
CA ILE A 525 4.19 17.21 -14.14
C ILE A 525 4.04 17.39 -12.64
N LEU A 526 3.94 16.28 -11.91
CA LEU A 526 3.84 16.36 -10.45
C LEU A 526 5.09 16.99 -9.86
N SER A 527 6.27 16.57 -10.33
CA SER A 527 7.52 17.11 -9.81
C SER A 527 7.65 18.60 -10.09
N ILE A 528 7.28 19.02 -11.30
CA ILE A 528 7.36 20.44 -11.65
C ILE A 528 6.42 21.25 -10.77
N ILE A 529 5.22 20.71 -10.49
CA ILE A 529 4.27 21.42 -9.64
C ILE A 529 4.84 21.63 -8.24
N TYR A 530 5.44 20.58 -7.67
CA TYR A 530 6.07 20.73 -6.35
C TYR A 530 7.29 21.63 -6.41
N PHE A 531 8.08 21.53 -7.49
CA PHE A 531 9.21 22.44 -7.65
C PHE A 531 8.73 23.89 -7.76
N LEU A 532 7.65 24.12 -8.50
CA LEU A 532 7.06 25.46 -8.53
C LEU A 532 6.49 25.84 -7.17
N GLY A 533 5.81 24.90 -6.50
CA GLY A 533 5.25 25.20 -5.20
C GLY A 533 6.29 25.57 -4.16
N ALA A 534 7.44 24.90 -4.20
CA ALA A 534 8.53 25.26 -3.30
C ALA A 534 9.05 26.66 -3.60
N MET A 535 9.18 26.99 -4.90
CA MET A 535 9.75 28.28 -5.27
C MET A 535 8.85 29.44 -4.82
N LEU A 536 7.54 29.32 -5.03
CA LEU A 536 6.63 30.37 -4.56
C LEU A 536 6.64 30.46 -3.04
N ASP A 537 6.74 29.32 -2.35
CA ASP A 537 6.88 29.36 -0.89
C ASP A 537 8.20 29.99 -0.49
N GLY A 538 9.28 29.70 -1.23
CA GLY A 538 10.56 30.30 -0.96
C GLY A 538 10.60 31.80 -1.15
N LEU A 539 9.96 32.31 -2.22
CA LEU A 539 9.91 33.75 -2.44
C LEU A 539 9.01 34.43 -1.41
N ARG A 540 8.12 33.67 -0.77
CA ARG A 540 7.21 34.20 0.24
C ARG A 540 7.71 33.91 1.66
N HIS A 541 9.02 33.93 1.85
CA HIS A 541 9.64 33.67 3.15
C HIS A 541 9.16 34.64 4.21
N1' TPP B . -6.67 -11.82 -5.13
C2' TPP B . -6.38 -12.28 -6.34
CM2 TPP B . -7.43 -13.06 -7.06
N3' TPP B . -5.22 -12.10 -6.98
C4' TPP B . -4.26 -11.40 -6.36
N4' TPP B . -3.11 -11.23 -7.02
C5' TPP B . -4.47 -10.86 -5.06
C6' TPP B . -5.71 -11.12 -4.51
C7' TPP B . -3.43 -10.08 -4.31
N3 TPP B . -3.52 -8.61 -4.56
C2 TPP B . -4.41 -8.06 -5.35
S1 TPP B . -4.25 -6.39 -5.43
C5 TPP B . -2.92 -6.44 -4.32
C4 TPP B . -2.65 -7.71 -3.95
CM4 TPP B . -1.59 -8.18 -3.02
C6 TPP B . -2.22 -5.18 -3.90
C7 TPP B . -1.07 -4.79 -4.81
O7 TPP B . 0.17 -4.99 -4.09
PA TPP B . 1.32 -3.93 -4.01
O1A TPP B . 0.94 -2.72 -4.77
O2A TPP B . 2.64 -4.59 -4.45
O3A TPP B . 1.44 -3.63 -2.46
PB TPP B . 2.36 -2.84 -1.43
O1B TPP B . 2.19 -3.34 -0.03
O2B TPP B . 3.78 -3.02 -1.97
O3B TPP B . 1.94 -1.37 -1.61
#